data_5WQ4
#
_entry.id   5WQ4
#
_cell.length_a   77.659
_cell.length_b   77.659
_cell.length_c   166.552
_cell.angle_alpha   90.00
_cell.angle_beta   90.00
_cell.angle_gamma   90.00
#
_symmetry.space_group_name_H-M   'P 43'
#
loop_
_entity.id
_entity.type
_entity.pdbx_description
1 polymer ubiquitin
2 polymer Optineurin
#
loop_
_entity_poly.entity_id
_entity_poly.type
_entity_poly.pdbx_seq_one_letter_code
_entity_poly.pdbx_strand_id
1 'polypeptide(L)'
;MQIFVKTLTGKTITLEVEPSDTIENVKAKIQDKEGIPPDQQRLIFAGKQLEDGRTLSDYNIQKESTLHLVLRLRGGMQIF
VKTLTGKTITLEVEPSDTIENVKAKIQDKEGIPPDQQRLIFAGKQLEDGRTLSDYNIQKESTLHLVLRLRGG
;
B,A
2 'polypeptide(L)'
;QAEKVDKMLLQELSEKLELAEQALASKQLQMDEMKQTLAKQEEDLETMAVLRAQMEVYCSDFHAERAAREKIHEEKEQLA
LQLAILLKENNDIEEGG
;
C,D,E,F
#
# COMPACT_ATOMS: atom_id res chain seq x y z
N MET A 1 22.66 9.22 -25.70
CA MET A 1 23.39 8.68 -24.56
C MET A 1 22.48 7.76 -23.72
N GLN A 2 22.65 6.45 -23.85
CA GLN A 2 22.04 5.53 -22.89
C GLN A 2 22.58 5.91 -21.51
N ILE A 3 21.68 6.15 -20.54
CA ILE A 3 22.08 6.67 -19.22
C ILE A 3 21.24 6.05 -18.08
N PHE A 4 21.82 5.90 -16.88
CA PHE A 4 21.15 5.20 -15.77
C PHE A 4 21.01 6.01 -14.45
N VAL A 5 20.20 5.50 -13.51
CA VAL A 5 19.83 6.26 -12.31
C VAL A 5 19.76 5.41 -11.02
N LYS A 6 20.50 5.81 -9.99
CA LYS A 6 20.38 5.18 -8.68
C LYS A 6 19.19 5.71 -7.88
N THR A 7 18.51 4.82 -7.15
CA THR A 7 17.31 5.19 -6.39
C THR A 7 17.49 4.92 -4.90
N LEU A 8 16.51 5.34 -4.10
CA LEU A 8 16.59 5.22 -2.64
C LEU A 8 16.81 3.79 -2.18
N THR A 9 16.09 2.86 -2.80
CA THR A 9 16.36 1.44 -2.66
C THR A 9 17.39 1.06 -3.72
N GLY A 10 17.39 1.82 -4.81
CA GLY A 10 18.31 1.65 -5.92
C GLY A 10 17.77 0.75 -7.01
N LYS A 11 17.42 1.34 -8.15
CA LYS A 11 16.81 0.59 -9.25
C LYS A 11 17.25 1.09 -10.63
N THR A 12 17.47 0.15 -11.55
CA THR A 12 17.95 0.48 -12.89
C THR A 12 17.49 -0.57 -13.92
N ILE A 13 16.83 -0.06 -14.96
CA ILE A 13 16.33 -0.88 -16.07
C ILE A 13 16.61 -0.12 -17.38
N THR A 14 16.04 -0.58 -18.49
CA THR A 14 16.32 -0.06 -19.85
C THR A 14 16.17 1.46 -20.01
N LEU A 15 17.06 2.06 -20.81
CA LEU A 15 17.14 3.53 -20.90
C LEU A 15 17.87 4.12 -22.13
N GLU A 16 17.50 5.36 -22.48
CA GLU A 16 18.25 6.18 -23.44
C GLU A 16 17.85 7.67 -23.37
N VAL A 17 18.83 8.55 -23.50
CA VAL A 17 18.59 10.00 -23.46
C VAL A 17 19.61 10.72 -24.35
N GLU A 18 19.29 11.94 -24.77
CA GLU A 18 20.22 12.72 -25.59
C GLU A 18 20.59 14.02 -24.87
N PRO A 19 21.79 14.56 -25.15
CA PRO A 19 22.24 15.79 -24.48
C PRO A 19 21.24 16.95 -24.60
N SER A 20 20.47 16.97 -25.69
CA SER A 20 19.41 17.95 -25.92
C SER A 20 18.11 17.69 -25.12
N ASP A 21 17.82 16.43 -24.80
CA ASP A 21 16.60 16.09 -24.04
C ASP A 21 16.64 16.76 -22.67
N THR A 22 15.58 17.51 -22.34
CA THR A 22 15.52 18.35 -21.15
C THR A 22 15.81 17.58 -19.86
N ILE A 23 16.20 18.29 -18.80
CA ILE A 23 16.37 17.68 -17.49
C ILE A 23 15.00 17.21 -17.00
N GLU A 24 13.94 17.86 -17.50
CA GLU A 24 12.58 17.41 -17.29
C GLU A 24 12.27 16.17 -18.15
N ASN A 25 12.99 16.00 -19.26
CA ASN A 25 12.75 14.87 -20.15
C ASN A 25 13.18 13.54 -19.50
N VAL A 26 14.36 13.53 -18.88
CA VAL A 26 14.87 12.32 -18.25
C VAL A 26 13.93 11.87 -17.14
N LYS A 27 13.50 12.84 -16.33
CA LYS A 27 12.58 12.58 -15.21
C LYS A 27 11.21 12.16 -15.72
N ALA A 28 10.83 12.64 -16.91
CA ALA A 28 9.57 12.20 -17.52
C ALA A 28 9.70 10.74 -17.98
N LYS A 29 10.90 10.37 -18.42
CA LYS A 29 11.19 8.99 -18.76
C LYS A 29 11.07 8.16 -17.48
N ILE A 30 11.49 8.76 -16.36
CA ILE A 30 11.39 8.16 -15.04
C ILE A 30 9.93 7.95 -14.61
N GLN A 31 9.05 8.89 -14.95
CA GLN A 31 7.62 8.74 -14.64
C GLN A 31 7.02 7.62 -15.47
N ASP A 32 7.33 7.65 -16.77
CA ASP A 32 6.82 6.67 -17.72
C ASP A 32 7.30 5.26 -17.40
N LYS A 33 8.49 5.16 -16.82
CA LYS A 33 9.09 3.87 -16.53
C LYS A 33 8.66 3.34 -15.17
N GLU A 34 8.65 4.21 -14.15
CA GLU A 34 8.55 3.72 -12.78
C GLU A 34 7.23 4.06 -12.06
N GLY A 35 6.41 4.90 -12.68
CA GLY A 35 5.11 5.24 -12.10
C GLY A 35 5.26 6.23 -10.96
N ILE A 36 6.37 6.95 -11.00
CA ILE A 36 6.68 7.96 -10.00
C ILE A 36 6.77 9.36 -10.63
N PRO A 37 5.81 10.23 -10.28
CA PRO A 37 5.57 11.56 -10.87
C PRO A 37 6.83 12.43 -10.92
N PRO A 38 6.79 13.53 -11.69
CA PRO A 38 8.01 14.33 -11.81
C PRO A 38 8.26 15.22 -10.59
N ASP A 39 7.21 15.55 -9.85
CA ASP A 39 7.37 16.41 -8.69
C ASP A 39 7.73 15.61 -7.41
N GLN A 40 8.15 14.35 -7.62
CA GLN A 40 8.61 13.47 -6.55
C GLN A 40 9.95 12.80 -6.87
N GLN A 41 10.55 13.22 -7.97
CA GLN A 41 11.83 12.67 -8.40
C GLN A 41 12.93 13.68 -8.11
N ARG A 42 13.69 13.46 -7.04
CA ARG A 42 14.75 14.42 -6.73
C ARG A 42 16.02 13.93 -7.39
N LEU A 43 16.51 14.73 -8.35
CA LEU A 43 17.59 14.36 -9.25
C LEU A 43 18.92 15.08 -8.95
N ILE A 44 19.98 14.29 -8.96
CA ILE A 44 21.32 14.71 -8.60
C ILE A 44 22.31 14.40 -9.71
N PHE A 45 23.27 15.30 -9.94
CA PHE A 45 24.37 14.93 -10.80
C PHE A 45 25.67 14.81 -10.01
N ALA A 46 25.98 13.60 -9.56
CA ALA A 46 27.20 13.33 -8.80
C ALA A 46 27.32 14.28 -7.61
N GLY A 47 26.35 14.24 -6.72
CA GLY A 47 26.35 15.14 -5.57
C GLY A 47 25.97 16.58 -5.88
N LYS A 48 25.33 16.82 -7.02
CA LYS A 48 24.84 18.16 -7.37
C LYS A 48 23.41 18.05 -7.89
N GLN A 49 22.56 19.03 -7.59
CA GLN A 49 21.13 18.93 -7.91
C GLN A 49 20.76 19.46 -9.30
N LEU A 50 20.38 18.55 -10.20
CA LEU A 50 19.87 18.89 -11.54
C LEU A 50 18.66 19.84 -11.44
N GLU A 51 18.77 21.01 -12.06
CA GLU A 51 17.72 22.03 -11.97
C GLU A 51 16.87 22.19 -13.24
N ASP A 52 15.99 23.18 -13.20
CA ASP A 52 15.02 23.42 -14.25
C ASP A 52 15.40 24.63 -15.09
N GLY A 53 15.23 24.51 -16.41
CA GLY A 53 15.67 25.54 -17.34
C GLY A 53 17.11 25.32 -17.73
N ARG A 54 17.47 24.05 -17.95
CA ARG A 54 18.82 23.66 -18.32
C ARG A 54 18.87 22.25 -18.90
N THR A 55 19.34 22.14 -20.15
CA THR A 55 19.54 20.85 -20.82
C THR A 55 20.56 20.03 -20.02
N LEU A 56 20.55 18.71 -20.22
CA LEU A 56 21.46 17.85 -19.48
C LEU A 56 22.89 17.99 -20.01
N SER A 57 23.07 18.92 -20.96
CA SER A 57 24.39 19.31 -21.48
C SER A 57 25.03 20.29 -20.52
N ASP A 58 24.18 21.06 -19.84
CA ASP A 58 24.58 22.09 -18.88
C ASP A 58 25.18 21.56 -17.57
N TYR A 59 25.50 20.26 -17.52
CA TYR A 59 26.12 19.66 -16.32
C TYR A 59 27.42 18.83 -16.46
N ASN A 60 27.57 17.93 -17.44
CA ASN A 60 26.59 17.54 -18.45
C ASN A 60 26.44 16.03 -18.58
N ILE A 61 25.27 15.59 -19.02
CA ILE A 61 24.92 14.17 -19.06
C ILE A 61 25.75 13.37 -20.06
N GLN A 62 26.94 12.99 -19.63
CA GLN A 62 27.74 12.03 -20.37
C GLN A 62 27.08 10.66 -20.30
N LYS A 63 27.17 9.90 -21.38
CA LYS A 63 26.64 8.53 -21.41
C LYS A 63 27.32 7.69 -20.34
N GLU A 64 26.60 6.72 -19.81
CA GLU A 64 27.11 5.85 -18.75
C GLU A 64 27.64 6.72 -17.61
N SER A 65 26.75 7.51 -17.05
CA SER A 65 27.03 8.29 -15.85
C SER A 65 25.85 8.07 -14.91
N THR A 66 26.14 8.02 -13.61
CA THR A 66 25.12 7.76 -12.59
C THR A 66 24.61 9.04 -11.92
N LEU A 67 23.44 9.49 -12.37
CA LEU A 67 22.69 10.53 -11.67
C LEU A 67 21.97 9.85 -10.52
N HIS A 68 21.33 10.62 -9.65
CA HIS A 68 20.64 9.97 -8.54
C HIS A 68 19.23 10.47 -8.37
N LEU A 69 18.32 9.58 -7.99
CA LEU A 69 16.99 10.03 -7.67
C LEU A 69 16.55 9.50 -6.32
N VAL A 70 16.07 10.39 -5.47
CA VAL A 70 15.47 9.96 -4.21
C VAL A 70 14.09 10.60 -4.07
N LEU A 71 13.21 9.92 -3.34
CA LEU A 71 11.79 10.21 -3.37
C LEU A 71 11.41 11.31 -2.37
N ARG A 72 10.85 12.37 -2.92
CA ARG A 72 10.32 13.50 -2.18
C ARG A 72 9.16 12.98 -1.31
N LEU A 73 8.91 13.59 -0.16
CA LEU A 73 7.96 13.00 0.81
C LEU A 73 6.55 13.16 0.32
N ARG A 74 6.35 14.12 -0.56
CA ARG A 74 5.03 14.44 -1.10
C ARG A 74 5.18 15.13 -2.43
N GLY A 75 4.08 15.29 -3.14
CA GLY A 75 4.13 16.06 -4.36
C GLY A 75 3.49 17.43 -4.19
N GLY A 76 3.29 18.09 -5.31
CA GLY A 76 2.70 19.40 -5.30
C GLY A 76 1.20 19.37 -5.08
N MET A 77 0.55 18.33 -5.53
CA MET A 77 -0.89 18.24 -5.33
C MET A 77 -1.25 17.09 -4.40
N GLN A 78 -2.17 17.36 -3.47
CA GLN A 78 -2.81 16.29 -2.70
C GLN A 78 -4.30 16.61 -2.41
N ILE A 79 -5.11 15.57 -2.44
CA ILE A 79 -6.53 15.72 -2.11
C ILE A 79 -6.93 14.83 -0.95
N PHE A 80 -7.97 15.24 -0.23
CA PHE A 80 -8.49 14.39 0.82
C PHE A 80 -9.62 13.45 0.34
N VAL A 81 -9.69 12.27 0.94
CA VAL A 81 -10.87 11.43 0.75
C VAL A 81 -11.45 11.04 2.11
N LYS A 82 -12.76 11.16 2.17
CA LYS A 82 -13.54 10.76 3.31
C LYS A 82 -13.73 9.27 3.13
N THR A 83 -13.56 8.55 4.22
CA THR A 83 -13.28 7.14 4.16
C THR A 83 -14.56 6.40 4.53
N LEU A 84 -14.62 5.08 4.38
CA LEU A 84 -15.89 4.40 4.69
C LEU A 84 -16.31 4.65 6.14
N THR A 85 -15.34 5.03 6.97
CA THR A 85 -15.52 5.27 8.41
C THR A 85 -15.56 6.76 8.73
N GLY A 86 -15.44 7.60 7.72
CA GLY A 86 -15.62 9.03 7.89
C GLY A 86 -14.33 9.75 8.21
N LYS A 87 -13.24 8.98 8.25
CA LYS A 87 -11.92 9.52 8.51
C LYS A 87 -11.29 10.14 7.25
N THR A 88 -10.35 11.06 7.43
CA THR A 88 -9.67 11.70 6.30
C THR A 88 -8.40 10.97 5.96
N ILE A 89 -8.25 10.60 4.69
CA ILE A 89 -6.93 10.12 4.24
C ILE A 89 -6.47 11.09 3.18
N THR A 90 -5.17 11.34 3.02
CA THR A 90 -4.77 12.26 1.93
C THR A 90 -3.86 11.62 0.90
N LEU A 91 -4.20 11.88 -0.35
CA LEU A 91 -3.62 11.25 -1.52
C LEU A 91 -2.77 12.20 -2.36
N GLU A 92 -1.61 11.72 -2.81
CA GLU A 92 -0.73 12.45 -3.70
C GLU A 92 -1.21 12.25 -5.15
N VAL A 93 -1.64 13.33 -5.78
CA VAL A 93 -2.19 13.25 -7.13
C VAL A 93 -1.70 14.34 -8.08
N GLU A 94 -2.08 14.19 -9.34
CA GLU A 94 -1.85 15.19 -10.38
C GLU A 94 -3.14 15.39 -11.18
N PRO A 95 -3.36 16.59 -11.76
CA PRO A 95 -4.60 16.78 -12.50
C PRO A 95 -4.70 15.75 -13.63
N SER A 96 -3.54 15.28 -14.09
CA SER A 96 -3.45 14.24 -15.10
C SER A 96 -4.21 12.99 -14.65
N ASP A 97 -4.23 12.76 -13.34
CA ASP A 97 -4.59 11.45 -12.82
C ASP A 97 -5.98 10.97 -13.17
N THR A 98 -6.06 9.74 -13.67
CA THR A 98 -7.36 9.17 -13.96
C THR A 98 -7.96 8.65 -12.67
N ILE A 99 -9.28 8.55 -12.67
CA ILE A 99 -10.03 8.05 -11.55
C ILE A 99 -9.69 6.59 -11.31
N GLU A 100 -9.29 5.89 -12.37
CA GLU A 100 -8.81 4.52 -12.20
C GLU A 100 -7.54 4.53 -11.33
N ASN A 101 -6.69 5.54 -11.55
CA ASN A 101 -5.43 5.71 -10.78
C ASN A 101 -5.65 6.12 -9.31
N VAL A 102 -6.57 7.07 -9.08
CA VAL A 102 -6.98 7.44 -7.73
C VAL A 102 -7.56 6.25 -6.96
N LYS A 103 -8.46 5.49 -7.58
CA LYS A 103 -8.97 4.26 -6.95
C LYS A 103 -7.88 3.21 -6.69
N ALA A 104 -6.81 3.21 -7.48
CA ALA A 104 -5.68 2.37 -7.13
C ALA A 104 -4.99 2.86 -5.87
N LYS A 105 -4.83 4.17 -5.75
CA LYS A 105 -4.15 4.73 -4.58
C LYS A 105 -4.98 4.56 -3.31
N ILE A 106 -6.29 4.66 -3.45
CA ILE A 106 -7.16 4.42 -2.32
C ILE A 106 -7.14 2.97 -1.94
N GLN A 107 -7.13 2.09 -2.94
CA GLN A 107 -7.00 0.67 -2.67
C GLN A 107 -5.71 0.42 -1.96
N ASP A 108 -4.71 1.27 -2.25
CA ASP A 108 -3.41 1.17 -1.57
C ASP A 108 -3.53 1.52 -0.10
N LYS A 109 -4.18 2.63 0.21
CA LYS A 109 -4.26 3.02 1.60
C LYS A 109 -5.26 2.19 2.41
N GLU A 110 -6.42 1.86 1.86
CA GLU A 110 -7.52 1.28 2.63
C GLU A 110 -7.85 -0.18 2.27
N GLY A 111 -7.29 -0.67 1.16
CA GLY A 111 -7.34 -2.08 0.85
C GLY A 111 -8.66 -2.58 0.30
N ILE A 112 -9.44 -1.69 -0.31
CA ILE A 112 -10.65 -2.13 -0.92
C ILE A 112 -10.40 -2.00 -2.40
N PRO A 113 -10.83 -3.01 -3.16
CA PRO A 113 -10.58 -3.09 -4.58
C PRO A 113 -11.35 -2.02 -5.33
N PRO A 114 -10.72 -1.40 -6.32
CA PRO A 114 -11.36 -0.33 -7.08
C PRO A 114 -12.71 -0.72 -7.71
N ASP A 115 -12.94 -2.02 -7.89
CA ASP A 115 -14.17 -2.47 -8.52
C ASP A 115 -15.33 -2.37 -7.50
N GLN A 116 -15.00 -2.12 -6.23
CA GLN A 116 -16.04 -1.98 -5.20
C GLN A 116 -16.16 -0.54 -4.70
N GLN A 117 -15.36 0.35 -5.29
CA GLN A 117 -15.32 1.76 -4.92
C GLN A 117 -16.24 2.65 -5.76
N ARG A 118 -16.88 3.61 -5.11
CA ARG A 118 -17.59 4.68 -5.81
C ARG A 118 -17.12 6.03 -5.27
N LEU A 119 -16.70 6.93 -6.16
CA LEU A 119 -16.17 8.20 -5.68
C LEU A 119 -17.08 9.38 -6.00
N ILE A 120 -17.32 10.20 -5.00
CA ILE A 120 -18.24 11.32 -5.13
C ILE A 120 -17.56 12.64 -4.85
N PHE A 121 -17.48 13.45 -5.89
CA PHE A 121 -17.01 14.82 -5.74
C PHE A 121 -18.16 15.73 -6.15
N ALA A 122 -18.61 16.60 -5.24
CA ALA A 122 -19.73 17.54 -5.48
C ALA A 122 -21.00 16.88 -6.03
N GLY A 123 -21.51 15.86 -5.35
CA GLY A 123 -22.78 15.28 -5.73
C GLY A 123 -22.64 14.41 -6.95
N LYS A 124 -21.44 14.36 -7.49
CA LYS A 124 -21.27 13.76 -8.79
C LYS A 124 -20.45 12.52 -8.62
N GLN A 125 -20.89 11.45 -9.25
CA GLN A 125 -20.18 10.19 -9.29
C GLN A 125 -19.12 10.21 -10.40
N LEU A 126 -17.92 9.73 -10.07
CA LEU A 126 -16.79 9.83 -10.97
C LEU A 126 -16.51 8.51 -11.68
N GLU A 127 -16.28 8.58 -13.00
CA GLU A 127 -16.13 7.38 -13.83
C GLU A 127 -14.67 7.08 -14.19
N ASP A 128 -14.35 5.79 -14.29
CA ASP A 128 -12.97 5.30 -14.32
C ASP A 128 -12.14 5.79 -15.52
N GLY A 129 -12.80 6.44 -16.48
CA GLY A 129 -12.14 7.00 -17.65
C GLY A 129 -11.56 8.40 -17.47
N ARG A 130 -12.28 9.25 -16.77
CA ARG A 130 -12.03 10.70 -16.77
C ARG A 130 -10.86 11.07 -15.85
N THR A 131 -10.59 12.37 -15.68
CA THR A 131 -9.52 12.81 -14.79
C THR A 131 -9.94 13.80 -13.69
N LEU A 132 -9.08 13.96 -12.71
CA LEU A 132 -9.27 14.96 -11.68
C LEU A 132 -9.33 16.36 -12.29
N SER A 133 -8.59 16.57 -13.38
CA SER A 133 -8.53 17.88 -14.04
C SER A 133 -9.84 18.28 -14.65
N ASP A 134 -10.43 17.35 -15.41
CA ASP A 134 -11.76 17.50 -16.04
C ASP A 134 -12.82 17.94 -15.04
N TYR A 135 -12.98 17.15 -13.99
CA TYR A 135 -13.94 17.40 -12.92
C TYR A 135 -13.63 18.65 -12.06
N ASN A 136 -12.64 19.44 -12.49
CA ASN A 136 -12.19 20.60 -11.74
C ASN A 136 -11.91 20.25 -10.29
N ILE A 137 -11.20 19.15 -10.10
CA ILE A 137 -10.78 18.77 -8.76
C ILE A 137 -9.45 19.44 -8.42
N GLN A 138 -9.48 20.30 -7.42
CA GLN A 138 -8.36 21.15 -7.14
C GLN A 138 -7.71 20.70 -5.84
N LYS A 139 -6.69 21.45 -5.41
CA LYS A 139 -5.99 21.18 -4.17
C LYS A 139 -7.03 21.12 -3.05
N GLU A 140 -6.87 20.13 -2.17
CA GLU A 140 -7.62 20.06 -0.93
C GLU A 140 -9.12 19.84 -1.12
N SER A 141 -9.51 19.43 -2.31
CA SER A 141 -10.88 19.02 -2.58
C SER A 141 -11.15 17.75 -1.80
N THR A 142 -12.37 17.59 -1.28
CA THR A 142 -12.66 16.34 -0.60
C THR A 142 -13.52 15.49 -1.51
N LEU A 143 -13.21 14.21 -1.59
CA LEU A 143 -14.08 13.25 -2.26
C LEU A 143 -14.60 12.31 -1.22
N HIS A 144 -15.78 11.79 -1.49
CA HIS A 144 -16.37 10.80 -0.61
C HIS A 144 -16.29 9.40 -1.26
N LEU A 145 -15.59 8.51 -0.58
CA LEU A 145 -15.59 7.12 -0.97
C LEU A 145 -16.80 6.44 -0.37
N VAL A 146 -17.47 5.68 -1.22
CA VAL A 146 -18.65 4.89 -0.87
C VAL A 146 -18.48 3.51 -1.45
N LEU A 147 -19.16 2.52 -0.91
CA LEU A 147 -19.15 1.23 -1.56
C LEU A 147 -20.09 1.21 -2.77
N ARG A 148 -19.55 1.05 -3.97
CA ARG A 148 -20.36 0.80 -5.17
C ARG A 148 -21.08 -0.42 -4.75
N LEU A 149 -22.36 -0.57 -5.11
CA LEU A 149 -23.27 -1.59 -4.56
C LEU A 149 -23.89 -1.04 -3.28
N ARG A 150 -23.64 0.25 -3.06
CA ARG A 150 -24.26 1.04 -1.99
C ARG A 150 -23.84 0.63 -0.58
N GLY A 151 -23.28 -0.57 -0.42
CA GLY A 151 -22.79 -1.00 0.88
C GLY A 151 -23.40 -2.27 1.43
N LEU B 19 68.62 4.23 -7.74
CA LEU B 19 67.44 5.03 -8.04
C LEU B 19 66.34 4.84 -7.00
N ALA B 20 66.62 4.05 -5.97
CA ALA B 20 65.66 3.72 -4.93
C ALA B 20 65.31 4.94 -4.05
N GLU B 21 66.28 5.83 -3.88
CA GLU B 21 66.12 7.02 -3.06
C GLU B 21 65.04 7.94 -3.61
N GLN B 22 65.05 8.16 -4.93
CA GLN B 22 64.03 8.95 -5.60
C GLN B 22 62.64 8.35 -5.41
N ALA B 23 62.56 7.02 -5.52
CA ALA B 23 61.27 6.33 -5.41
C ALA B 23 60.73 6.35 -3.98
N LEU B 24 61.65 6.38 -3.01
CA LEU B 24 61.25 6.43 -1.62
C LEU B 24 60.77 7.84 -1.27
N ALA B 25 61.46 8.87 -1.77
CA ALA B 25 61.02 10.25 -1.55
C ALA B 25 59.64 10.52 -2.19
N SER B 26 59.44 10.00 -3.39
CA SER B 26 58.15 10.11 -4.08
C SER B 26 57.03 9.42 -3.31
N LYS B 27 57.27 8.17 -2.90
CA LYS B 27 56.30 7.42 -2.14
C LYS B 27 55.92 8.15 -0.84
N GLN B 28 56.91 8.66 -0.11
CA GLN B 28 56.63 9.40 1.14
C GLN B 28 55.81 10.67 0.91
N LEU B 29 56.06 11.33 -0.23
CA LEU B 29 55.28 12.50 -0.63
C LEU B 29 53.82 12.11 -0.87
N GLN B 30 53.63 11.11 -1.73
CA GLN B 30 52.30 10.60 -2.06
C GLN B 30 51.56 10.19 -0.79
N MET B 31 52.30 9.61 0.16
CA MET B 31 51.76 9.19 1.44
C MET B 31 51.31 10.38 2.32
N ASP B 32 52.06 11.47 2.29
CA ASP B 32 51.66 12.66 3.05
C ASP B 32 50.33 13.12 2.47
N GLU B 33 50.24 13.10 1.14
CA GLU B 33 48.99 13.47 0.46
C GLU B 33 47.81 12.55 0.83
N MET B 34 48.03 11.24 0.84
CA MET B 34 47.00 10.28 1.23
C MET B 34 46.48 10.55 2.64
N LYS B 35 47.39 10.80 3.58
CA LYS B 35 47.00 11.06 4.95
C LYS B 35 46.15 12.32 5.02
N GLN B 36 46.55 13.33 4.25
CA GLN B 36 45.76 14.55 4.19
C GLN B 36 44.31 14.26 3.76
N THR B 37 44.20 13.57 2.63
CA THR B 37 42.89 13.25 2.06
C THR B 37 42.01 12.40 2.98
N LEU B 38 42.59 11.36 3.58
CA LEU B 38 41.86 10.48 4.48
C LEU B 38 41.36 11.24 5.70
N ALA B 39 42.18 12.14 6.23
CA ALA B 39 41.73 12.96 7.37
C ALA B 39 40.50 13.82 6.99
N LYS B 40 40.63 14.58 5.90
CA LYS B 40 39.53 15.45 5.45
C LYS B 40 38.25 14.62 5.28
N GLN B 41 38.46 13.43 4.74
CA GLN B 41 37.44 12.42 4.50
C GLN B 41 36.71 12.05 5.79
N GLU B 42 37.47 11.73 6.84
CA GLU B 42 36.86 11.26 8.08
C GLU B 42 36.02 12.36 8.69
N GLU B 43 36.52 13.60 8.53
CA GLU B 43 35.75 14.76 8.98
C GLU B 43 34.40 14.80 8.27
N ASP B 44 34.44 14.62 6.96
CA ASP B 44 33.21 14.61 6.19
C ASP B 44 32.26 13.47 6.63
N LEU B 45 32.81 12.34 7.05
CA LEU B 45 31.98 11.22 7.51
C LEU B 45 31.23 11.52 8.83
N GLU B 46 31.92 12.20 9.74
CA GLU B 46 31.24 12.66 10.95
C GLU B 46 30.03 13.53 10.56
N THR B 47 30.34 14.43 9.61
CA THR B 47 29.30 15.31 9.11
C THR B 47 28.13 14.43 8.70
N MET B 48 28.40 13.32 8.02
CA MET B 48 27.30 12.48 7.53
C MET B 48 26.41 11.88 8.62
N ALA B 49 27.00 11.48 9.76
CA ALA B 49 26.12 10.95 10.82
C ALA B 49 25.10 11.98 11.33
N VAL B 50 25.56 13.20 11.61
CA VAL B 50 24.55 14.18 12.06
C VAL B 50 23.57 14.43 10.90
N LEU B 51 24.06 14.37 9.66
CA LEU B 51 23.19 14.60 8.50
C LEU B 51 22.01 13.59 8.44
N ARG B 52 22.28 12.33 8.79
CA ARG B 52 21.24 11.31 8.75
C ARG B 52 20.21 11.59 9.83
N ALA B 53 20.73 11.88 11.03
CA ALA B 53 19.81 12.21 12.15
C ALA B 53 18.85 13.33 11.73
N GLN B 54 19.40 14.35 11.10
CA GLN B 54 18.63 15.49 10.67
C GLN B 54 17.48 15.10 9.73
N MET B 55 17.77 14.32 8.68
CA MET B 55 16.69 14.00 7.74
C MET B 55 15.60 13.15 8.42
N GLU B 56 16.02 12.30 9.36
CA GLU B 56 15.04 11.48 10.07
C GLU B 56 14.09 12.39 10.83
N VAL B 57 14.65 13.45 11.40
CA VAL B 57 13.79 14.43 12.07
C VAL B 57 12.82 15.08 11.11
N TYR B 58 13.30 15.54 9.96
CA TYR B 58 12.43 16.23 9.01
C TYR B 58 11.30 15.33 8.56
N CYS B 59 11.64 14.06 8.40
CA CYS B 59 10.67 13.04 8.03
C CYS B 59 9.55 12.92 9.07
N SER B 60 9.99 12.82 10.34
CA SER B 60 9.12 12.75 11.52
C SER B 60 8.14 13.91 11.58
N ASP B 61 8.70 15.09 11.34
CA ASP B 61 7.99 16.35 11.41
C ASP B 61 6.92 16.37 10.38
N PHE B 62 7.28 15.92 9.18
CA PHE B 62 6.34 15.81 8.08
C PHE B 62 5.13 14.88 8.39
N HIS B 63 5.39 13.69 8.94
CA HIS B 63 4.28 12.79 9.29
C HIS B 63 3.40 13.39 10.38
N ALA B 64 4.03 14.02 11.37
CA ALA B 64 3.34 14.69 12.46
C ALA B 64 2.38 15.73 11.94
N GLU B 65 2.88 16.49 10.97
CA GLU B 65 2.14 17.56 10.37
C GLU B 65 1.03 17.09 9.44
N ARG B 66 1.28 16.01 8.71
CA ARG B 66 0.23 15.47 7.90
C ARG B 66 -0.88 14.95 8.74
N ALA B 67 -0.51 14.36 9.88
CA ALA B 67 -1.50 13.86 10.80
C ALA B 67 -2.37 15.01 11.31
N ALA B 68 -1.74 16.08 11.77
CA ALA B 68 -2.45 17.27 12.20
C ALA B 68 -3.40 17.86 11.14
N ARG B 69 -2.92 17.92 9.92
CA ARG B 69 -3.67 18.41 8.79
C ARG B 69 -4.92 17.54 8.57
N GLU B 70 -4.74 16.24 8.67
CA GLU B 70 -5.83 15.29 8.50
C GLU B 70 -6.91 15.41 9.57
N LYS B 71 -6.45 15.59 10.80
CA LYS B 71 -7.30 15.85 11.95
C LYS B 71 -8.11 17.15 11.78
N ILE B 72 -7.42 18.22 11.43
CA ILE B 72 -8.09 19.50 11.25
C ILE B 72 -9.06 19.37 10.08
N HIS B 73 -8.69 18.62 9.06
CA HIS B 73 -9.59 18.48 7.96
C HIS B 73 -10.89 17.80 8.40
N GLU B 74 -10.83 16.73 9.20
CA GLU B 74 -12.10 16.16 9.69
C GLU B 74 -12.90 17.16 10.54
N GLU B 75 -12.23 17.82 11.48
CA GLU B 75 -12.94 18.80 12.31
C GLU B 75 -13.63 19.90 11.48
N LYS B 76 -12.87 20.41 10.52
CA LYS B 76 -13.35 21.47 9.64
C LYS B 76 -14.56 20.99 8.91
N GLU B 77 -14.49 19.82 8.30
CA GLU B 77 -15.65 19.33 7.57
C GLU B 77 -16.88 19.16 8.45
N GLN B 78 -16.67 18.76 9.70
CA GLN B 78 -17.79 18.71 10.64
C GLN B 78 -18.43 20.08 10.80
N LEU B 79 -17.57 21.03 11.17
CA LEU B 79 -18.00 22.41 11.47
C LEU B 79 -18.76 22.97 10.29
N ALA B 80 -18.24 22.75 9.09
CA ALA B 80 -18.86 23.21 7.88
C ALA B 80 -20.24 22.55 7.63
N LEU B 81 -20.36 21.26 7.93
CA LEU B 81 -21.65 20.61 7.77
C LEU B 81 -22.65 21.39 8.61
N GLN B 82 -22.36 21.49 9.91
CA GLN B 82 -23.28 22.21 10.81
C GLN B 82 -23.55 23.63 10.30
N LEU B 83 -22.54 24.19 9.64
CA LEU B 83 -22.65 25.53 9.08
C LEU B 83 -23.75 25.55 8.00
N ALA B 84 -23.65 24.66 7.01
CA ALA B 84 -24.69 24.52 5.99
C ALA B 84 -26.11 24.26 6.54
N ILE B 85 -26.24 23.24 7.41
CA ILE B 85 -27.57 22.89 7.94
C ILE B 85 -28.16 24.04 8.76
N LEU B 86 -27.43 24.56 9.76
CA LEU B 86 -27.91 25.70 10.54
C LEU B 86 -28.23 26.94 9.72
N LEU B 87 -27.38 27.24 8.73
CA LEU B 87 -27.58 28.43 7.89
C LEU B 87 -28.86 28.39 7.09
N LYS B 88 -29.14 27.29 6.39
CA LYS B 88 -30.40 27.29 5.64
C LYS B 88 -31.60 27.05 6.56
N GLU B 89 -31.34 26.56 7.79
CA GLU B 89 -32.39 26.38 8.82
C GLU B 89 -32.83 27.62 9.64
N ASN B 90 -32.05 28.70 9.59
CA ASN B 90 -32.30 29.86 10.44
C ASN B 90 -31.42 31.06 10.09
N ALA C 23 62.38 -0.18 2.61
CA ALA C 23 61.03 0.15 3.05
C ALA C 23 60.07 0.28 1.85
N LEU C 24 60.42 -0.37 0.74
CA LEU C 24 59.59 -0.35 -0.46
C LEU C 24 58.35 -1.25 -0.37
N ALA C 25 58.53 -2.45 0.16
CA ALA C 25 57.42 -3.37 0.37
C ALA C 25 56.41 -2.73 1.32
N SER C 26 56.95 -2.03 2.32
CA SER C 26 56.14 -1.31 3.28
C SER C 26 55.27 -0.28 2.57
N LYS C 27 55.88 0.49 1.68
CA LYS C 27 55.13 1.48 0.90
C LYS C 27 54.05 0.89 0.00
N GLN C 28 54.35 -0.15 -0.78
CA GLN C 28 53.34 -0.76 -1.65
C GLN C 28 52.19 -1.40 -0.88
N LEU C 29 52.52 -2.04 0.24
CA LEU C 29 51.51 -2.62 1.11
C LEU C 29 50.62 -1.54 1.72
N GLN C 30 51.25 -0.59 2.42
CA GLN C 30 50.55 0.50 3.10
C GLN C 30 49.70 1.30 2.11
N MET C 31 50.19 1.40 0.88
CA MET C 31 49.46 2.03 -0.22
C MET C 31 48.25 1.18 -0.61
N ASP C 32 48.40 -0.14 -0.59
CA ASP C 32 47.25 -0.99 -0.89
C ASP C 32 46.13 -0.85 0.15
N GLU C 33 46.49 -0.91 1.43
CA GLU C 33 45.49 -0.74 2.50
C GLU C 33 44.87 0.66 2.42
N MET C 34 45.75 1.64 2.22
CA MET C 34 45.34 3.02 2.06
C MET C 34 44.33 3.13 0.92
N LYS C 35 44.59 2.40 -0.16
CA LYS C 35 43.68 2.37 -1.31
C LYS C 35 42.32 1.79 -0.92
N GLN C 36 42.34 0.75 -0.10
CA GLN C 36 41.10 0.16 0.37
C GLN C 36 40.22 1.21 1.05
N THR C 37 40.81 1.87 2.05
CA THR C 37 40.09 2.90 2.80
C THR C 37 39.67 4.14 1.98
N LEU C 38 40.55 4.59 1.07
CA LEU C 38 40.27 5.74 0.22
C LEU C 38 39.07 5.48 -0.68
N ALA C 39 39.03 4.25 -1.19
CA ALA C 39 37.92 3.81 -2.00
C ALA C 39 36.60 3.83 -1.22
N LYS C 40 36.59 3.13 -0.07
CA LYS C 40 35.41 3.06 0.78
C LYS C 40 34.95 4.48 1.10
N GLN C 41 35.94 5.32 1.29
CA GLN C 41 35.74 6.73 1.55
C GLN C 41 34.97 7.50 0.49
N GLU C 42 35.42 7.37 -0.76
CA GLU C 42 34.78 8.08 -1.87
C GLU C 42 33.35 7.59 -2.08
N GLU C 43 33.14 6.28 -1.85
CA GLU C 43 31.78 5.75 -1.93
C GLU C 43 30.90 6.38 -0.84
N ASP C 44 31.42 6.46 0.37
CA ASP C 44 30.70 7.07 1.48
C ASP C 44 30.45 8.56 1.20
N LEU C 45 31.36 9.20 0.48
CA LEU C 45 31.20 10.59 0.10
C LEU C 45 30.04 10.71 -0.89
N GLU C 46 29.92 9.74 -1.78
CA GLU C 46 28.74 9.66 -2.65
C GLU C 46 27.45 9.48 -1.84
N THR C 47 27.43 8.50 -0.94
CA THR C 47 26.23 8.22 -0.14
C THR C 47 25.77 9.44 0.64
N MET C 48 26.72 10.08 1.32
CA MET C 48 26.43 11.28 2.11
C MET C 48 25.99 12.42 1.18
N ALA C 49 26.52 12.43 -0.04
CA ALA C 49 26.09 13.40 -1.03
C ALA C 49 24.59 13.21 -1.27
N VAL C 50 24.14 11.96 -1.36
CA VAL C 50 22.69 11.71 -1.47
C VAL C 50 21.94 12.11 -0.19
N LEU C 51 22.53 11.84 0.97
CA LEU C 51 21.87 12.13 2.24
C LEU C 51 21.60 13.61 2.41
N ARG C 52 22.49 14.48 1.95
CA ARG C 52 22.26 15.93 2.10
C ARG C 52 21.09 16.36 1.20
N ALA C 53 21.07 15.85 -0.03
CA ALA C 53 19.96 16.10 -0.93
C ALA C 53 18.66 15.67 -0.27
N GLN C 54 18.69 14.48 0.34
CA GLN C 54 17.53 13.94 1.04
C GLN C 54 17.06 14.86 2.15
N MET C 55 17.99 15.31 2.99
CA MET C 55 17.62 16.16 4.11
C MET C 55 17.06 17.49 3.64
N GLU C 56 17.61 18.04 2.56
CA GLU C 56 17.06 19.30 2.07
C GLU C 56 15.66 19.10 1.49
N VAL C 57 15.43 17.98 0.81
CA VAL C 57 14.08 17.64 0.34
C VAL C 57 13.06 17.34 1.47
N TYR C 58 13.43 16.53 2.45
CA TYR C 58 12.51 16.25 3.55
C TYR C 58 12.18 17.51 4.32
N CYS C 59 13.17 18.38 4.44
CA CYS C 59 12.96 19.68 5.07
C CYS C 59 11.97 20.54 4.24
N SER C 60 12.19 20.59 2.94
CA SER C 60 11.31 21.33 2.03
C SER C 60 9.84 20.84 2.14
N ASP C 61 9.68 19.52 2.13
CA ASP C 61 8.38 18.87 2.21
C ASP C 61 7.72 19.11 3.55
N PHE C 62 8.48 18.94 4.61
CA PHE C 62 7.97 19.24 5.92
C PHE C 62 7.47 20.66 6.06
N HIS C 63 8.22 21.62 5.52
CA HIS C 63 7.77 23.01 5.57
C HIS C 63 6.48 23.21 4.74
N ALA C 64 6.40 22.55 3.59
CA ALA C 64 5.18 22.61 2.79
C ALA C 64 3.97 22.10 3.58
N GLU C 65 4.13 20.96 4.26
CA GLU C 65 3.03 20.35 4.99
C GLU C 65 2.65 21.16 6.21
N ARG C 66 3.62 21.80 6.84
CA ARG C 66 3.35 22.73 7.92
C ARG C 66 2.59 23.92 7.43
N ALA C 67 2.89 24.37 6.21
CA ALA C 67 2.18 25.51 5.62
C ALA C 67 0.73 25.17 5.43
N ALA C 68 0.51 24.02 4.79
CA ALA C 68 -0.82 23.44 4.57
C ALA C 68 -1.60 23.22 5.84
N ARG C 69 -0.91 22.68 6.84
CA ARG C 69 -1.47 22.44 8.14
C ARG C 69 -1.93 23.73 8.77
N GLU C 70 -1.06 24.74 8.67
CA GLU C 70 -1.33 26.04 9.27
C GLU C 70 -2.53 26.72 8.58
N LYS C 71 -2.60 26.61 7.26
CA LYS C 71 -3.73 27.12 6.50
C LYS C 71 -5.08 26.46 6.77
N ILE C 72 -5.12 25.12 6.75
CA ILE C 72 -6.39 24.47 6.97
C ILE C 72 -6.77 24.79 8.40
N HIS C 73 -5.77 24.89 9.26
CA HIS C 73 -6.07 25.23 10.64
C HIS C 73 -6.70 26.62 10.82
N GLU C 74 -6.21 27.64 10.14
CA GLU C 74 -6.91 28.90 10.24
C GLU C 74 -8.33 28.75 9.68
N GLU C 75 -8.50 28.06 8.54
CA GLU C 75 -9.84 27.89 7.96
C GLU C 75 -10.79 27.33 9.01
N LYS C 76 -10.31 26.32 9.73
CA LYS C 76 -11.07 25.71 10.81
C LYS C 76 -11.42 26.73 11.84
N GLU C 77 -10.46 27.56 12.21
CA GLU C 77 -10.77 28.59 13.21
C GLU C 77 -11.81 29.60 12.73
N GLN C 78 -11.80 29.92 11.44
CA GLN C 78 -12.84 30.78 10.88
C GLN C 78 -14.19 30.18 11.08
N LEU C 79 -14.35 28.95 10.59
CA LEU C 79 -15.63 28.26 10.74
C LEU C 79 -16.03 28.10 12.20
N ALA C 80 -15.07 27.80 13.05
CA ALA C 80 -15.37 27.63 14.47
C ALA C 80 -15.91 28.92 15.10
N LEU C 81 -15.25 30.04 14.83
CA LEU C 81 -15.67 31.34 15.30
C LEU C 81 -17.07 31.62 14.84
N GLN C 82 -17.24 31.53 13.53
CA GLN C 82 -18.51 31.83 12.91
C GLN C 82 -19.66 31.01 13.49
N LEU C 83 -19.38 29.74 13.75
CA LEU C 83 -20.34 28.84 14.36
C LEU C 83 -20.70 29.27 15.79
N ALA C 84 -19.69 29.47 16.63
CA ALA C 84 -19.87 29.98 18.00
C ALA C 84 -20.80 31.21 18.02
N ILE C 85 -20.51 32.14 17.13
CA ILE C 85 -21.28 33.36 17.02
C ILE C 85 -22.75 33.11 16.62
N LEU C 86 -22.97 32.36 15.54
CA LEU C 86 -24.35 32.00 15.11
C LEU C 86 -25.16 31.28 16.21
N LEU C 87 -24.44 30.43 16.92
CA LEU C 87 -24.95 29.59 17.98
C LEU C 87 -25.48 30.49 19.07
N LYS C 88 -24.68 31.48 19.45
CA LYS C 88 -25.04 32.36 20.53
C LYS C 88 -26.11 33.37 20.03
N GLU C 89 -26.19 33.52 18.70
CA GLU C 89 -27.18 34.37 18.04
C GLU C 89 -28.57 33.75 17.93
N ASN C 90 -28.67 32.45 18.13
CA ASN C 90 -29.98 31.79 17.97
C ASN C 90 -30.31 31.08 19.28
N ASN C 91 -29.31 31.06 20.16
CA ASN C 91 -29.52 30.74 21.58
C ASN C 91 -30.06 31.96 22.31
N ASP C 92 -29.43 33.13 22.10
CA ASP C 92 -29.83 34.34 22.81
C ASP C 92 -31.24 34.78 22.40
N ILE C 93 -31.55 34.64 21.11
CA ILE C 93 -32.85 35.08 20.59
C ILE C 93 -33.97 34.05 20.76
N GLU C 94 -33.74 33.04 21.59
CA GLU C 94 -34.78 32.07 21.93
C GLU C 94 -34.65 31.56 23.38
N LYS D 6 -1.98 -21.85 -10.07
CA LYS D 6 -2.32 -20.54 -10.60
C LYS D 6 -3.06 -19.64 -9.59
N THR D 7 -2.75 -18.35 -9.62
CA THR D 7 -3.34 -17.35 -8.72
C THR D 7 -4.01 -16.23 -9.49
N LEU D 8 -4.74 -15.37 -8.77
CA LEU D 8 -5.43 -14.22 -9.36
C LEU D 8 -4.42 -13.35 -10.08
N THR D 9 -3.24 -13.22 -9.47
CA THR D 9 -2.11 -12.57 -10.10
C THR D 9 -1.32 -13.52 -11.01
N GLY D 10 -1.33 -14.82 -10.72
CA GLY D 10 -0.55 -15.77 -11.50
C GLY D 10 0.81 -16.00 -10.87
N LYS D 11 1.13 -17.23 -10.48
CA LYS D 11 2.36 -17.45 -9.71
C LYS D 11 3.26 -18.59 -10.17
N THR D 12 4.55 -18.28 -10.19
CA THR D 12 5.58 -19.21 -10.62
C THR D 12 6.95 -18.85 -10.08
N ILE D 13 7.51 -19.78 -9.29
CA ILE D 13 8.90 -19.73 -8.85
C ILE D 13 9.35 -21.19 -8.73
N THR D 14 10.58 -21.44 -8.28
CA THR D 14 11.13 -22.79 -8.19
C THR D 14 10.31 -23.72 -7.28
N LEU D 15 10.14 -24.99 -7.64
CA LEU D 15 9.26 -25.87 -6.85
C LEU D 15 9.43 -27.40 -7.02
N GLU D 16 9.15 -28.10 -5.93
CA GLU D 16 8.98 -29.55 -5.90
C GLU D 16 8.37 -30.02 -4.55
N VAL D 17 7.51 -31.03 -4.61
CA VAL D 17 6.87 -31.59 -3.42
C VAL D 17 6.73 -33.09 -3.67
N GLU D 18 6.51 -33.86 -2.61
CA GLU D 18 6.34 -35.30 -2.74
C GLU D 18 4.94 -35.69 -2.29
N PRO D 19 4.40 -36.81 -2.84
CA PRO D 19 3.03 -37.21 -2.50
C PRO D 19 2.78 -37.33 -0.99
N SER D 20 3.79 -37.73 -0.21
CA SER D 20 3.65 -37.75 1.25
C SER D 20 3.81 -36.34 1.85
N ASP D 21 4.62 -35.49 1.23
CA ASP D 21 4.84 -34.12 1.69
C ASP D 21 3.57 -33.29 1.64
N ILE D 23 -0.47 -31.50 2.17
CA ILE D 23 -1.22 -30.47 1.46
C ILE D 23 -1.03 -29.12 2.17
N GLU D 24 -0.75 -29.17 3.47
CA GLU D 24 -0.34 -27.98 4.20
C GLU D 24 1.09 -27.58 3.83
N ASN D 25 1.88 -28.56 3.39
CA ASN D 25 3.27 -28.33 3.04
C ASN D 25 3.41 -27.41 1.83
N VAL D 26 2.60 -27.66 0.80
CA VAL D 26 2.67 -26.87 -0.42
C VAL D 26 2.33 -25.41 -0.13
N LYS D 27 1.28 -25.19 0.66
CA LYS D 27 0.85 -23.84 1.04
C LYS D 27 1.88 -23.18 1.95
N ALA D 28 2.60 -23.99 2.71
CA ALA D 28 3.69 -23.46 3.55
C ALA D 28 4.85 -23.01 2.68
N LYS D 29 5.11 -23.73 1.60
CA LYS D 29 6.13 -23.32 0.63
C LYS D 29 5.66 -22.02 0.00
N ILE D 30 4.35 -21.93 -0.20
CA ILE D 30 3.72 -20.75 -0.76
C ILE D 30 3.92 -19.55 0.18
N GLN D 31 3.87 -19.84 1.48
CA GLN D 31 4.08 -18.81 2.51
C GLN D 31 5.52 -18.33 2.51
N ASP D 32 6.43 -19.30 2.49
CA ASP D 32 7.86 -19.02 2.48
C ASP D 32 8.30 -18.27 1.24
N LYS D 33 7.59 -18.49 0.13
CA LYS D 33 7.98 -17.88 -1.13
C LYS D 33 7.37 -16.49 -1.35
N GLU D 34 6.06 -16.36 -1.12
CA GLU D 34 5.35 -15.19 -1.62
C GLU D 34 4.84 -14.27 -0.52
N GLY D 35 4.97 -14.68 0.73
CA GLY D 35 4.57 -13.84 1.85
C GLY D 35 3.07 -13.76 2.16
N ILE D 36 2.32 -14.77 1.74
CA ILE D 36 0.89 -14.89 2.05
C ILE D 36 0.65 -16.18 2.85
N PRO D 37 0.25 -16.05 4.13
CA PRO D 37 0.13 -17.14 5.12
C PRO D 37 -0.71 -18.33 4.66
N PRO D 38 -0.68 -19.44 5.42
CA PRO D 38 -1.45 -20.60 4.99
C PRO D 38 -2.95 -20.41 5.22
N ASP D 39 -3.33 -19.53 6.16
CA ASP D 39 -4.74 -19.31 6.42
C ASP D 39 -5.30 -18.23 5.49
N GLN D 40 -4.53 -17.90 4.46
CA GLN D 40 -4.99 -16.95 3.44
C GLN D 40 -4.84 -17.48 2.04
N GLN D 41 -4.36 -18.72 1.96
CA GLN D 41 -4.13 -19.38 0.68
C GLN D 41 -5.20 -20.43 0.48
N ARG D 42 -6.21 -20.13 -0.32
CA ARG D 42 -7.23 -21.14 -0.52
C ARG D 42 -6.89 -21.88 -1.79
N LEU D 43 -6.60 -23.18 -1.63
CA LEU D 43 -6.10 -24.04 -2.71
C LEU D 43 -7.11 -25.10 -3.15
N ILE D 44 -7.28 -25.27 -4.46
CA ILE D 44 -8.26 -26.23 -5.00
C ILE D 44 -7.63 -27.22 -5.98
N PHE D 45 -8.08 -28.46 -5.93
CA PHE D 45 -7.65 -29.46 -6.91
C PHE D 45 -8.78 -29.72 -7.89
N ALA D 46 -8.63 -29.15 -9.09
CA ALA D 46 -9.64 -29.16 -10.14
C ALA D 46 -10.92 -28.47 -9.68
N GLY D 47 -11.88 -29.26 -9.18
CA GLY D 47 -13.17 -28.75 -8.75
C GLY D 47 -13.45 -29.12 -7.30
N LYS D 48 -12.39 -29.44 -6.58
CA LYS D 48 -12.48 -29.77 -5.17
C LYS D 48 -11.41 -29.04 -4.40
N GLN D 49 -11.72 -28.70 -3.14
CA GLN D 49 -10.81 -27.94 -2.30
C GLN D 49 -9.90 -28.85 -1.48
N LEU D 50 -8.59 -28.75 -1.73
CA LEU D 50 -7.58 -29.42 -0.93
C LEU D 50 -7.72 -29.09 0.57
N GLU D 51 -7.89 -30.13 1.39
CA GLU D 51 -8.03 -29.94 2.84
C GLU D 51 -6.76 -30.41 3.56
N THR D 55 -2.06 -35.11 3.27
CA THR D 55 -1.13 -35.33 2.17
C THR D 55 -1.82 -35.18 0.81
N LEU D 56 -1.03 -34.89 -0.22
CA LEU D 56 -1.51 -34.73 -1.59
C LEU D 56 -1.81 -36.09 -2.26
N SER D 57 -1.82 -37.17 -1.47
CA SER D 57 -2.14 -38.51 -1.98
C SER D 57 -3.63 -38.76 -2.23
N ASP D 58 -4.50 -38.16 -1.43
CA ASP D 58 -5.95 -38.32 -1.65
C ASP D 58 -6.40 -37.49 -2.85
N TYR D 59 -5.44 -36.89 -3.54
CA TYR D 59 -5.67 -36.16 -4.78
C TYR D 59 -4.61 -36.67 -5.77
N ASN D 60 -4.37 -35.95 -6.87
CA ASN D 60 -3.48 -36.48 -7.91
C ASN D 60 -2.37 -35.56 -8.40
N ILE D 61 -1.41 -35.26 -7.52
CA ILE D 61 -0.34 -34.29 -7.80
C ILE D 61 0.63 -34.79 -8.88
N GLN D 62 0.26 -34.60 -10.13
CA GLN D 62 1.22 -34.76 -11.23
C GLN D 62 2.20 -33.60 -11.17
N LYS D 63 3.46 -33.86 -11.53
CA LYS D 63 4.49 -32.81 -11.55
C LYS D 63 4.11 -31.68 -12.48
N GLU D 64 3.42 -32.04 -13.55
CA GLU D 64 2.94 -31.05 -14.52
C GLU D 64 1.43 -30.98 -14.40
N SER D 65 0.96 -30.57 -13.21
CA SER D 65 -0.45 -30.25 -13.04
C SER D 65 -0.60 -28.91 -12.31
N THR D 66 -1.58 -28.12 -12.75
CA THR D 66 -1.84 -26.78 -12.19
C THR D 66 -3.02 -26.74 -11.21
N LEU D 67 -2.71 -26.70 -9.91
CA LEU D 67 -3.70 -26.42 -8.87
C LEU D 67 -3.94 -24.91 -8.78
N HIS D 68 -4.89 -24.50 -7.96
CA HIS D 68 -5.19 -23.08 -7.86
C HIS D 68 -5.23 -22.60 -6.43
N LEU D 69 -4.74 -21.38 -6.23
CA LEU D 69 -4.88 -20.69 -4.96
C LEU D 69 -5.42 -19.29 -5.20
N VAL D 70 -6.44 -18.92 -4.45
CA VAL D 70 -6.94 -17.54 -4.47
C VAL D 70 -6.99 -17.07 -3.03
N LEU D 71 -6.86 -15.75 -2.86
CA LEU D 71 -6.61 -15.16 -1.55
C LEU D 71 -7.84 -14.81 -0.71
N ARG D 72 -7.89 -15.40 0.48
CA ARG D 72 -8.93 -15.11 1.47
C ARG D 72 -8.88 -13.62 1.88
N LEU D 73 -10.03 -13.06 2.25
CA LEU D 73 -10.13 -11.60 2.49
C LEU D 73 -9.45 -11.18 3.78
N ARG D 74 -9.28 -12.15 4.68
CA ARG D 74 -8.71 -11.90 5.99
C ARG D 74 -8.11 -13.18 6.59
N GLY D 75 -7.39 -13.04 7.68
CA GLY D 75 -6.89 -14.19 8.37
C GLY D 75 -7.71 -14.47 9.61
N GLY D 76 -7.19 -15.38 10.42
CA GLY D 76 -7.81 -15.74 11.68
C GLY D 76 -7.53 -14.75 12.78
N MET D 77 -6.37 -14.11 12.71
CA MET D 77 -6.01 -13.11 13.71
C MET D 77 -5.93 -11.74 13.06
N GLN D 78 -6.52 -10.75 13.74
CA GLN D 78 -6.27 -9.35 13.39
C GLN D 78 -6.18 -8.51 14.65
N ILE D 79 -5.27 -7.56 14.65
CA ILE D 79 -5.15 -6.64 15.78
C ILE D 79 -5.46 -5.25 15.32
N PHE D 80 -5.95 -4.44 16.24
CA PHE D 80 -6.18 -3.04 15.95
C PHE D 80 -4.96 -2.18 16.33
N VAL D 81 -4.76 -1.13 15.54
CA VAL D 81 -3.80 -0.09 15.91
C VAL D 81 -4.42 1.30 15.90
N LYS D 82 -4.15 2.01 16.98
CA LYS D 82 -4.55 3.37 17.12
C LYS D 82 -3.51 4.18 16.38
N THR D 83 -3.98 5.14 15.62
CA THR D 83 -3.22 5.74 14.55
C THR D 83 -2.73 7.10 15.04
N LEU D 84 -1.87 7.78 14.30
CA LEU D 84 -1.40 9.10 14.72
C LEU D 84 -2.51 10.10 14.96
N THR D 85 -3.64 9.91 14.32
CA THR D 85 -4.77 10.81 14.42
C THR D 85 -5.79 10.19 15.36
N GLY D 86 -5.53 8.94 15.75
CA GLY D 86 -6.35 8.27 16.74
C GLY D 86 -7.43 7.43 16.15
N LYS D 87 -7.46 7.32 14.83
CA LYS D 87 -8.45 6.45 14.19
C LYS D 87 -7.97 4.98 14.23
N THR D 88 -8.88 4.04 14.13
CA THR D 88 -8.51 2.64 14.22
C THR D 88 -8.22 2.02 12.84
N ILE D 89 -7.08 1.36 12.72
CA ILE D 89 -6.80 0.56 11.52
C ILE D 89 -6.75 -0.91 11.96
N THR D 90 -7.07 -1.85 11.07
CA THR D 90 -6.99 -3.26 11.44
C THR D 90 -5.97 -3.99 10.61
N LEU D 91 -5.13 -4.73 11.31
CA LEU D 91 -4.02 -5.43 10.70
C LEU D 91 -4.21 -6.94 10.77
N GLU D 92 -3.95 -7.58 9.64
CA GLU D 92 -3.97 -9.02 9.59
C GLU D 92 -2.62 -9.59 10.00
N VAL D 93 -2.57 -10.26 11.13
CA VAL D 93 -1.30 -10.79 11.63
C VAL D 93 -1.45 -12.21 12.19
N GLU D 94 -0.35 -12.88 12.46
CA GLU D 94 -0.36 -14.15 13.17
C GLU D 94 0.72 -14.10 14.25
N PRO D 95 0.52 -14.81 15.38
CA PRO D 95 1.41 -14.62 16.54
C PRO D 95 2.89 -14.82 16.25
N SER D 96 3.21 -15.55 15.19
CA SER D 96 4.60 -15.68 14.75
C SER D 96 5.17 -14.29 14.41
N ASP D 97 4.30 -13.37 13.98
CA ASP D 97 4.74 -12.15 13.30
C ASP D 97 5.64 -11.28 14.17
N THR D 98 6.78 -10.86 13.62
CA THR D 98 7.71 -10.00 14.35
C THR D 98 7.22 -8.56 14.30
N ILE D 99 7.72 -7.76 15.23
CA ILE D 99 7.37 -6.37 15.35
C ILE D 99 7.81 -5.62 14.09
N GLU D 100 8.86 -6.10 13.43
CA GLU D 100 9.26 -5.51 12.14
C GLU D 100 8.18 -5.71 11.07
N ASN D 101 7.49 -6.84 11.12
CA ASN D 101 6.38 -7.15 10.20
C ASN D 101 5.10 -6.35 10.47
N VAL D 102 4.73 -6.19 11.74
CA VAL D 102 3.64 -5.30 12.09
C VAL D 102 3.97 -3.87 11.62
N LYS D 103 5.19 -3.40 11.88
CA LYS D 103 5.64 -2.10 11.36
C LYS D 103 5.69 -2.03 9.81
N ALA D 104 5.92 -3.15 9.16
CA ALA D 104 5.82 -3.23 7.72
C ALA D 104 4.41 -3.06 7.21
N LYS D 105 3.46 -3.70 7.89
CA LYS D 105 2.05 -3.63 7.50
C LYS D 105 1.47 -2.25 7.77
N ILE D 106 1.90 -1.65 8.87
CA ILE D 106 1.46 -0.32 9.20
C ILE D 106 2.03 0.66 8.22
N GLN D 107 3.28 0.44 7.83
CA GLN D 107 3.89 1.27 6.80
C GLN D 107 3.10 1.15 5.51
N ASP D 108 2.55 -0.03 5.28
CA ASP D 108 1.75 -0.28 4.09
C ASP D 108 0.46 0.57 4.12
N LYS D 109 -0.24 0.55 5.24
CA LYS D 109 -1.51 1.26 5.35
C LYS D 109 -1.43 2.80 5.54
N GLU D 110 -0.45 3.28 6.30
CA GLU D 110 -0.41 4.68 6.71
C GLU D 110 0.80 5.41 6.10
N GLY D 111 1.74 4.64 5.56
CA GLY D 111 2.82 5.22 4.80
C GLY D 111 3.92 5.84 5.64
N ILE D 112 4.09 5.37 6.86
CA ILE D 112 5.18 5.91 7.64
C ILE D 112 6.19 4.79 7.82
N PRO D 113 7.48 5.13 7.68
CA PRO D 113 8.58 4.17 7.73
C PRO D 113 8.76 3.57 9.11
N PRO D 114 8.96 2.25 9.17
CA PRO D 114 9.10 1.52 10.43
C PRO D 114 10.24 2.04 11.30
N ASP D 115 11.19 2.72 10.66
CA ASP D 115 12.32 3.23 11.39
C ASP D 115 11.84 4.47 12.15
N GLN D 116 10.64 4.96 11.82
CA GLN D 116 10.08 6.11 12.52
C GLN D 116 8.86 5.79 13.39
N GLN D 117 8.52 4.50 13.46
CA GLN D 117 7.40 4.03 14.24
C GLN D 117 7.81 3.58 15.63
N ARG D 118 6.96 3.87 16.60
CA ARG D 118 7.07 3.29 17.92
C ARG D 118 5.76 2.66 18.30
N LEU D 119 5.77 1.39 18.70
CA LEU D 119 4.53 0.70 19.02
C LEU D 119 4.39 0.41 20.49
N ILE D 120 3.23 0.73 21.02
CA ILE D 120 2.99 0.49 22.43
C ILE D 120 1.77 -0.36 22.69
N PHE D 121 2.03 -1.52 23.26
CA PHE D 121 1.01 -2.41 23.75
C PHE D 121 1.11 -2.52 25.27
N ALA D 122 0.05 -2.15 25.99
CA ALA D 122 0.03 -2.15 27.46
C ALA D 122 1.23 -1.44 28.12
N GLY D 123 1.42 -0.17 27.77
CA GLY D 123 2.40 0.69 28.44
C GLY D 123 3.83 0.40 28.02
N LYS D 124 4.01 -0.61 27.20
CA LYS D 124 5.35 -1.13 26.94
C LYS D 124 5.67 -0.96 25.48
N GLN D 125 6.90 -0.55 25.21
CA GLN D 125 7.41 -0.38 23.85
C GLN D 125 7.84 -1.73 23.24
N LEU D 126 7.46 -1.93 21.98
CA LEU D 126 7.69 -3.22 21.34
C LEU D 126 8.91 -3.13 20.44
N GLU D 127 9.79 -4.12 20.56
CA GLU D 127 11.10 -4.11 19.89
C GLU D 127 11.19 -5.02 18.70
N ASP D 128 11.94 -4.55 17.70
CA ASP D 128 11.94 -5.12 16.35
C ASP D 128 12.42 -6.56 16.32
N GLY D 129 12.96 -7.05 17.41
CA GLY D 129 13.39 -8.42 17.44
C GLY D 129 12.23 -9.38 17.72
N ARG D 130 11.36 -8.99 18.66
CA ARG D 130 10.41 -9.92 19.27
C ARG D 130 9.13 -10.18 18.45
N THR D 131 8.21 -10.98 18.99
CA THR D 131 6.95 -11.28 18.30
C THR D 131 5.70 -10.94 19.08
N LEU D 132 4.58 -10.93 18.37
CA LEU D 132 3.28 -10.75 18.96
C LEU D 132 2.99 -11.82 19.97
N SER D 133 3.56 -13.01 19.75
CA SER D 133 3.36 -14.17 20.62
C SER D 133 3.94 -13.93 22.00
N ASP D 134 5.20 -13.51 22.03
CA ASP D 134 5.94 -13.14 23.24
C ASP D 134 5.22 -12.11 24.11
N TYR D 135 4.91 -10.97 23.51
CA TYR D 135 4.23 -9.87 24.19
C TYR D 135 2.79 -10.22 24.60
N ASN D 136 2.41 -11.49 24.44
CA ASN D 136 1.06 -11.95 24.71
C ASN D 136 0.02 -11.08 24.01
N ILE D 137 0.25 -10.79 22.74
CA ILE D 137 -0.74 -10.04 21.98
C ILE D 137 -1.75 -10.99 21.31
N GLN D 138 -3.01 -10.84 21.71
CA GLN D 138 -4.04 -11.78 21.31
C GLN D 138 -4.96 -11.12 20.30
N LYS D 139 -6.01 -11.84 19.89
CA LYS D 139 -6.99 -11.31 18.94
C LYS D 139 -7.56 -10.00 19.45
N GLU D 140 -7.69 -9.02 18.56
CA GLU D 140 -8.39 -7.77 18.85
C GLU D 140 -7.69 -6.90 19.93
N SER D 141 -6.43 -7.20 20.21
CA SER D 141 -5.63 -6.31 21.05
C SER D 141 -5.40 -4.99 20.36
N THR D 142 -5.40 -3.90 21.12
CA THR D 142 -5.10 -2.60 20.55
C THR D 142 -3.68 -2.17 20.89
N LEU D 143 -2.98 -1.70 19.86
CA LEU D 143 -1.68 -1.10 20.04
C LEU D 143 -1.78 0.33 19.66
N HIS D 144 -0.93 1.13 20.26
CA HIS D 144 -0.85 2.55 19.92
C HIS D 144 0.41 2.82 19.10
N LEU D 145 0.21 3.33 17.88
CA LEU D 145 1.34 3.80 17.09
C LEU D 145 1.66 5.25 17.45
N VAL D 146 2.96 5.54 17.59
CA VAL D 146 3.46 6.86 17.93
C VAL D 146 4.68 7.16 17.07
N LEU D 147 5.03 8.44 16.90
CA LEU D 147 6.29 8.81 16.23
C LEU D 147 7.48 8.62 17.19
N ARG D 148 8.46 7.82 16.77
CA ARG D 148 9.63 7.54 17.60
C ARG D 148 10.30 8.80 18.15
N LEU D 149 10.60 9.75 17.28
CA LEU D 149 11.38 10.93 17.67
C LEU D 149 10.52 11.92 18.44
N ARG D 150 9.28 11.54 18.72
CA ARG D 150 8.40 12.35 19.57
C ARG D 150 8.23 11.68 20.92
N GLN E 22 -21.59 -44.55 -44.75
CA GLN E 22 -20.13 -44.50 -44.72
C GLN E 22 -19.63 -44.00 -43.36
N ALA E 23 -18.55 -43.22 -43.36
CA ALA E 23 -18.01 -42.62 -42.14
C ALA E 23 -18.87 -41.43 -41.65
N LEU E 24 -19.92 -41.14 -42.41
CA LEU E 24 -20.82 -40.03 -42.11
C LEU E 24 -21.69 -40.28 -40.87
N ALA E 25 -22.18 -41.51 -40.70
CA ALA E 25 -22.96 -41.85 -39.50
C ALA E 25 -22.13 -41.68 -38.23
N SER E 26 -20.87 -42.12 -38.29
CA SER E 26 -19.92 -41.97 -37.18
C SER E 26 -19.64 -40.50 -36.86
N LYS E 27 -19.32 -39.71 -37.88
CA LYS E 27 -19.08 -38.27 -37.65
C LYS E 27 -20.31 -37.63 -37.03
N GLN E 28 -21.50 -37.92 -37.56
CA GLN E 28 -22.75 -37.37 -37.03
C GLN E 28 -22.96 -37.77 -35.57
N LEU E 29 -22.49 -38.97 -35.23
CA LEU E 29 -22.53 -39.42 -33.83
C LEU E 29 -21.63 -38.54 -32.96
N GLN E 30 -20.35 -38.43 -33.34
CA GLN E 30 -19.36 -37.64 -32.60
C GLN E 30 -19.78 -36.16 -32.44
N MET E 31 -20.36 -35.62 -33.51
CA MET E 31 -20.89 -34.27 -33.53
C MET E 31 -22.13 -34.12 -32.63
N ASP E 32 -23.00 -35.13 -32.61
CA ASP E 32 -24.17 -35.06 -31.75
C ASP E 32 -23.71 -34.94 -30.30
N GLU E 33 -22.74 -35.79 -29.93
CA GLU E 33 -22.19 -35.78 -28.57
C GLU E 33 -21.51 -34.46 -28.24
N MET E 34 -20.70 -33.95 -29.16
CA MET E 34 -20.04 -32.66 -28.96
C MET E 34 -21.08 -31.56 -28.69
N LYS E 35 -22.18 -31.54 -29.44
CA LYS E 35 -23.24 -30.56 -29.21
C LYS E 35 -23.89 -30.73 -27.85
N GLN E 36 -24.11 -31.98 -27.43
CA GLN E 36 -24.67 -32.24 -26.10
C GLN E 36 -23.79 -31.60 -25.00
N THR E 37 -22.49 -31.94 -25.03
CA THR E 37 -21.54 -31.41 -24.05
C THR E 37 -21.50 -29.86 -24.14
N LEU E 38 -21.56 -29.35 -25.36
CA LEU E 38 -21.51 -27.92 -25.62
C LEU E 38 -22.66 -27.18 -24.92
N ALA E 39 -23.84 -27.75 -25.02
CA ALA E 39 -25.02 -27.21 -24.34
C ALA E 39 -24.76 -27.16 -22.83
N LYS E 40 -24.33 -28.31 -22.28
CA LYS E 40 -24.06 -28.36 -20.83
C LYS E 40 -23.10 -27.25 -20.37
N GLN E 41 -22.09 -27.01 -21.21
CA GLN E 41 -21.11 -25.97 -20.96
C GLN E 41 -21.74 -24.61 -20.90
N GLU E 42 -22.53 -24.28 -21.92
CA GLU E 42 -23.11 -22.93 -22.01
C GLU E 42 -24.06 -22.67 -20.83
N GLU E 43 -24.78 -23.71 -20.41
CA GLU E 43 -25.62 -23.58 -19.20
C GLU E 43 -24.78 -23.25 -17.95
N ASP E 44 -23.67 -23.97 -17.79
CA ASP E 44 -22.81 -23.70 -16.65
C ASP E 44 -22.21 -22.28 -16.69
N LEU E 45 -21.90 -21.78 -17.88
CA LEU E 45 -21.33 -20.42 -17.98
C LEU E 45 -22.37 -19.35 -17.58
N GLU E 46 -23.61 -19.65 -17.96
CA GLU E 46 -24.73 -18.82 -17.52
C GLU E 46 -24.64 -18.77 -15.99
N THR E 47 -24.43 -19.91 -15.35
CA THR E 47 -24.25 -19.91 -13.90
C THR E 47 -23.14 -18.94 -13.48
N MET E 48 -22.05 -18.94 -14.24
CA MET E 48 -20.89 -18.16 -13.82
C MET E 48 -21.10 -16.66 -13.67
N ALA E 49 -21.92 -16.02 -14.51
CA ALA E 49 -22.09 -14.55 -14.25
C ALA E 49 -22.65 -14.21 -12.84
N VAL E 50 -23.67 -14.94 -12.43
CA VAL E 50 -24.25 -14.78 -11.10
C VAL E 50 -23.19 -15.16 -10.06
N LEU E 51 -22.37 -16.15 -10.36
CA LEU E 51 -21.32 -16.50 -9.39
C LEU E 51 -20.40 -15.28 -9.12
N ARG E 52 -20.11 -14.52 -10.17
CA ARG E 52 -19.23 -13.37 -10.04
C ARG E 52 -19.89 -12.26 -9.24
N ALA E 53 -21.12 -11.92 -9.63
CA ALA E 53 -21.89 -10.89 -8.94
C ALA E 53 -21.95 -11.20 -7.45
N GLN E 54 -22.21 -12.45 -7.16
CA GLN E 54 -22.33 -12.93 -5.81
C GLN E 54 -21.06 -12.66 -5.00
N MET E 55 -19.88 -13.03 -5.55
CA MET E 55 -18.65 -12.81 -4.77
C MET E 55 -18.37 -11.31 -4.60
N GLU E 56 -18.75 -10.50 -5.58
CA GLU E 56 -18.57 -9.05 -5.49
C GLU E 56 -19.39 -8.51 -4.33
N VAL E 57 -20.57 -9.09 -4.16
CA VAL E 57 -21.42 -8.74 -3.03
C VAL E 57 -20.73 -9.14 -1.73
N TYR E 58 -20.18 -10.34 -1.66
CA TYR E 58 -19.55 -10.81 -0.42
C TYR E 58 -18.33 -9.97 -0.03
N CYS E 59 -17.58 -9.56 -1.04
CA CYS E 59 -16.44 -8.68 -0.86
C CYS E 59 -16.87 -7.32 -0.29
N SER E 60 -17.88 -6.74 -0.94
CA SER E 60 -18.50 -5.47 -0.53
C SER E 60 -18.98 -5.55 0.93
N ASP E 61 -19.64 -6.64 1.26
CA ASP E 61 -20.21 -6.84 2.58
C ASP E 61 -19.11 -6.93 3.59
N PHE E 62 -18.03 -7.62 3.22
CA PHE E 62 -16.87 -7.71 4.10
C PHE E 62 -16.28 -6.33 4.44
N HIS E 63 -16.09 -5.48 3.44
CA HIS E 63 -15.57 -4.14 3.69
C HIS E 63 -16.55 -3.32 4.51
N ALA E 64 -17.82 -3.51 4.22
CA ALA E 64 -18.88 -2.83 4.95
C ALA E 64 -18.72 -3.12 6.42
N GLU E 65 -18.47 -4.39 6.68
CA GLU E 65 -18.30 -4.89 8.03
C GLU E 65 -16.98 -4.54 8.69
N ARG E 66 -15.89 -4.48 7.93
CA ARG E 66 -14.62 -4.04 8.51
C ARG E 66 -14.74 -2.64 8.99
N ALA E 67 -15.41 -1.82 8.17
CA ALA E 67 -15.58 -0.43 8.50
C ALA E 67 -16.40 -0.25 9.78
N ALA E 68 -17.53 -0.95 9.84
CA ALA E 68 -18.36 -0.95 11.03
C ALA E 68 -17.59 -1.38 12.28
N ARG E 69 -16.83 -2.46 12.12
CA ARG E 69 -16.05 -3.00 13.20
C ARG E 69 -15.06 -1.95 13.69
N GLU E 70 -14.42 -1.24 12.77
CA GLU E 70 -13.44 -0.20 13.12
C GLU E 70 -14.01 1.01 13.82
N LYS E 71 -15.18 1.44 13.37
CA LYS E 71 -15.92 2.49 14.05
C LYS E 71 -16.27 2.09 15.47
N ILE E 72 -16.82 0.89 15.64
CA ILE E 72 -17.22 0.47 16.97
C ILE E 72 -15.96 0.36 17.81
N HIS E 73 -14.86 -0.06 17.22
CA HIS E 73 -13.66 -0.16 18.05
C HIS E 73 -13.22 1.21 18.57
N GLU E 74 -13.23 2.26 17.72
CA GLU E 74 -12.89 3.60 18.21
C GLU E 74 -13.86 4.04 19.32
N GLU E 75 -15.16 3.92 19.06
CA GLU E 75 -16.13 4.29 20.07
C GLU E 75 -15.96 3.55 21.39
N LYS E 76 -15.75 2.25 21.29
CA LYS E 76 -15.57 1.40 22.45
C LYS E 76 -14.37 1.92 23.26
N GLU E 77 -13.23 2.10 22.62
CA GLU E 77 -12.06 2.55 23.35
C GLU E 77 -12.29 3.93 24.02
N GLN E 78 -13.04 4.79 23.36
CA GLN E 78 -13.41 6.06 23.97
C GLN E 78 -14.15 5.80 25.29
N LEU E 79 -15.23 5.03 25.20
CA LEU E 79 -16.06 4.70 26.36
C LEU E 79 -15.29 4.03 27.49
N ALA E 80 -14.42 3.11 27.16
CA ALA E 80 -13.59 2.43 28.17
C ALA E 80 -12.60 3.39 28.88
N LEU E 81 -12.02 4.31 28.12
CA LEU E 81 -11.15 5.31 28.72
C LEU E 81 -11.97 6.07 29.76
N GLN E 82 -13.07 6.69 29.34
CA GLN E 82 -13.89 7.46 30.29
C GLN E 82 -14.30 6.60 31.49
N LEU E 83 -14.48 5.31 31.22
CA LEU E 83 -14.84 4.35 32.26
C LEU E 83 -13.76 4.33 33.32
N ALA E 84 -12.54 4.05 32.90
CA ALA E 84 -11.38 4.06 33.79
C ALA E 84 -11.21 5.37 34.56
N ILE E 85 -11.23 6.51 33.85
CA ILE E 85 -11.04 7.81 34.54
C ILE E 85 -12.20 8.12 35.52
N LEU E 86 -13.45 8.11 35.07
CA LEU E 86 -14.60 8.34 35.97
C LEU E 86 -14.62 7.37 37.14
N LEU E 87 -14.27 6.10 36.90
CA LEU E 87 -14.26 5.09 37.97
C LEU E 87 -13.19 5.31 39.06
N LYS E 88 -11.92 5.46 38.69
CA LYS E 88 -10.88 5.62 39.72
C LYS E 88 -10.83 7.04 40.33
N GLU E 89 -11.56 7.96 39.72
CA GLU E 89 -11.72 9.34 40.23
C GLU E 89 -12.67 9.31 41.44
N ASN E 90 -13.14 8.11 41.76
CA ASN E 90 -14.17 7.88 42.74
C ASN E 90 -13.66 7.02 43.89
N GLU F 18 -24.38 -39.98 -53.84
CA GLU F 18 -23.61 -39.85 -52.60
C GLU F 18 -23.65 -38.43 -52.04
N LEU F 19 -22.87 -37.52 -52.65
CA LEU F 19 -22.71 -36.14 -52.14
C LEU F 19 -22.07 -36.15 -50.75
N ALA F 20 -21.66 -37.33 -50.31
CA ALA F 20 -21.10 -37.57 -48.99
C ALA F 20 -19.74 -36.91 -48.76
N GLU F 21 -18.93 -36.77 -49.81
CA GLU F 21 -17.61 -36.15 -49.68
C GLU F 21 -17.78 -34.71 -49.22
N GLN F 22 -18.72 -34.03 -49.89
CA GLN F 22 -19.11 -32.66 -49.60
C GLN F 22 -19.61 -32.50 -48.15
N ALA F 23 -20.63 -33.28 -47.77
CA ALA F 23 -21.16 -33.19 -46.41
C ALA F 23 -20.22 -33.80 -45.35
N LEU F 24 -19.15 -34.47 -45.80
CA LEU F 24 -18.14 -34.99 -44.87
C LEU F 24 -17.18 -33.87 -44.51
N ALA F 25 -16.71 -33.15 -45.53
CA ALA F 25 -15.84 -32.00 -45.30
C ALA F 25 -16.62 -30.97 -44.49
N SER F 26 -17.90 -30.83 -44.85
CA SER F 26 -18.82 -29.93 -44.15
C SER F 26 -18.98 -30.30 -42.67
N LYS F 27 -19.29 -31.58 -42.43
CA LYS F 27 -19.47 -32.08 -41.06
C LYS F 27 -18.20 -31.94 -40.19
N GLN F 28 -17.05 -32.30 -40.76
CA GLN F 28 -15.76 -32.18 -40.06
C GLN F 28 -15.41 -30.73 -39.78
N LEU F 29 -15.78 -29.84 -40.71
CA LEU F 29 -15.56 -28.42 -40.50
C LEU F 29 -16.37 -27.92 -39.32
N GLN F 30 -17.69 -28.12 -39.40
CA GLN F 30 -18.58 -27.66 -38.35
C GLN F 30 -18.15 -28.22 -36.98
N MET F 31 -17.69 -29.46 -36.99
CA MET F 31 -17.16 -30.08 -35.77
C MET F 31 -15.87 -29.43 -35.29
N ASP F 32 -14.98 -29.05 -36.21
CA ASP F 32 -13.72 -28.37 -35.86
C ASP F 32 -13.92 -26.98 -35.23
N GLU F 33 -14.77 -26.17 -35.86
CA GLU F 33 -15.09 -24.85 -35.30
C GLU F 33 -15.75 -25.08 -33.95
N MET F 34 -16.60 -26.10 -33.93
CA MET F 34 -17.26 -26.52 -32.71
C MET F 34 -16.21 -26.79 -31.64
N LYS F 35 -15.10 -27.40 -32.05
CA LYS F 35 -13.98 -27.69 -31.16
C LYS F 35 -13.34 -26.40 -30.62
N GLN F 36 -13.23 -25.38 -31.48
CA GLN F 36 -12.71 -24.10 -31.01
C GLN F 36 -13.58 -23.64 -29.85
N THR F 37 -14.89 -23.63 -30.08
CA THR F 37 -15.82 -23.20 -29.05
C THR F 37 -15.76 -24.08 -27.77
N LEU F 38 -15.65 -25.39 -27.94
CA LEU F 38 -15.58 -26.33 -26.81
C LEU F 38 -14.36 -26.14 -25.92
N ALA F 39 -13.22 -25.92 -26.57
CA ALA F 39 -11.97 -25.65 -25.87
C ALA F 39 -12.04 -24.36 -25.04
N LYS F 40 -12.41 -23.26 -25.73
CA LYS F 40 -12.50 -21.99 -25.03
C LYS F 40 -13.44 -22.17 -23.84
N GLN F 41 -14.50 -22.91 -24.09
CA GLN F 41 -15.48 -23.20 -23.06
C GLN F 41 -14.87 -23.89 -21.84
N GLU F 42 -14.01 -24.90 -22.08
CA GLU F 42 -13.36 -25.62 -20.97
C GLU F 42 -12.41 -24.71 -20.17
N GLU F 43 -11.75 -23.78 -20.87
CA GLU F 43 -10.93 -22.78 -20.18
C GLU F 43 -11.82 -21.96 -19.24
N ASP F 44 -12.98 -21.54 -19.75
CA ASP F 44 -13.94 -20.79 -18.96
C ASP F 44 -14.47 -21.63 -17.81
N LEU F 45 -14.54 -22.94 -18.00
CA LEU F 45 -15.00 -23.83 -16.94
C LEU F 45 -13.98 -23.85 -15.80
N GLU F 46 -12.69 -23.81 -16.14
CA GLU F 46 -11.64 -23.62 -15.13
C GLU F 46 -11.81 -22.28 -14.39
N THR F 47 -11.97 -21.20 -15.17
CA THR F 47 -12.12 -19.87 -14.59
C THR F 47 -13.29 -19.81 -13.59
N MET F 48 -14.44 -20.34 -14.02
CA MET F 48 -15.65 -20.37 -13.21
C MET F 48 -15.46 -21.28 -11.99
N ALA F 49 -14.63 -22.32 -12.12
CA ALA F 49 -14.31 -23.15 -10.96
C ALA F 49 -13.63 -22.28 -9.89
N VAL F 50 -12.69 -21.44 -10.33
CA VAL F 50 -12.06 -20.56 -9.35
C VAL F 50 -13.12 -19.61 -8.80
N LEU F 51 -14.04 -19.17 -9.64
CA LEU F 51 -15.05 -18.21 -9.20
C LEU F 51 -15.91 -18.77 -8.06
N ARG F 52 -16.30 -20.04 -8.15
CA ARG F 52 -17.13 -20.62 -7.12
C ARG F 52 -16.32 -20.76 -5.84
N ALA F 53 -15.08 -21.20 -5.98
CA ALA F 53 -14.23 -21.25 -4.79
C ALA F 53 -14.17 -19.87 -4.10
N GLN F 54 -13.99 -18.84 -4.91
CA GLN F 54 -13.91 -17.47 -4.42
C GLN F 54 -15.16 -17.03 -3.70
N MET F 55 -16.33 -17.26 -4.30
CA MET F 55 -17.55 -16.82 -3.64
C MET F 55 -17.75 -17.57 -2.32
N GLU F 56 -17.38 -18.85 -2.29
CA GLU F 56 -17.56 -19.55 -1.01
C GLU F 56 -16.61 -18.98 0.05
N VAL F 57 -15.39 -18.65 -0.33
CA VAL F 57 -14.44 -18.00 0.61
C VAL F 57 -14.82 -16.56 1.05
N TYR F 58 -15.15 -15.69 0.10
CA TYR F 58 -15.53 -14.35 0.48
C TYR F 58 -16.76 -14.38 1.37
N CYS F 59 -17.66 -15.33 1.09
CA CYS F 59 -18.82 -15.52 1.94
C CYS F 59 -18.39 -15.91 3.38
N SER F 60 -17.48 -16.85 3.46
CA SER F 60 -16.97 -17.27 4.75
C SER F 60 -16.37 -16.08 5.53
N ASP F 61 -15.56 -15.28 4.85
CA ASP F 61 -14.85 -14.15 5.46
C ASP F 61 -15.79 -13.06 5.93
N PHE F 62 -16.73 -12.73 5.07
CA PHE F 62 -17.79 -11.82 5.43
C PHE F 62 -18.57 -12.28 6.65
N HIS F 63 -18.90 -13.57 6.75
CA HIS F 63 -19.59 -14.01 7.95
C HIS F 63 -18.70 -13.85 9.20
N ALA F 64 -17.41 -14.15 9.07
CA ALA F 64 -16.45 -13.93 10.14
C ALA F 64 -16.39 -12.46 10.61
N GLU F 65 -16.32 -11.55 9.64
CA GLU F 65 -16.23 -10.15 9.97
C GLU F 65 -17.51 -9.61 10.54
N ARG F 66 -18.66 -10.11 10.10
CA ARG F 66 -19.89 -9.72 10.76
C ARG F 66 -19.96 -10.26 12.19
N ALA F 67 -19.40 -11.44 12.40
CA ALA F 67 -19.39 -12.05 13.74
C ALA F 67 -18.61 -11.20 14.70
N ALA F 68 -17.40 -10.85 14.26
CA ALA F 68 -16.49 -9.95 14.98
C ALA F 68 -17.11 -8.58 15.25
N ARG F 69 -17.78 -8.07 14.23
CA ARG F 69 -18.47 -6.81 14.33
C ARG F 69 -19.54 -6.85 15.38
N GLU F 70 -20.33 -7.92 15.36
CA GLU F 70 -21.45 -8.09 16.27
C GLU F 70 -20.97 -8.19 17.72
N LYS F 71 -19.86 -8.90 17.90
CA LYS F 71 -19.17 -9.03 19.17
C LYS F 71 -18.66 -7.72 19.74
N ILE F 72 -17.86 -6.99 18.96
CA ILE F 72 -17.26 -5.79 19.49
C ILE F 72 -18.40 -4.84 19.73
N HIS F 73 -19.43 -4.95 18.89
CA HIS F 73 -20.59 -4.10 19.09
C HIS F 73 -21.35 -4.34 20.40
N GLU F 74 -21.55 -5.59 20.80
CA GLU F 74 -22.15 -5.78 22.11
C GLU F 74 -21.19 -5.25 23.18
N GLU F 75 -19.89 -5.54 23.07
CA GLU F 75 -18.95 -5.06 24.07
C GLU F 75 -19.18 -3.58 24.29
N LYS F 76 -19.31 -2.86 23.17
CA LYS F 76 -19.56 -1.43 23.18
C LYS F 76 -20.83 -1.14 23.92
N GLU F 77 -21.86 -1.95 23.66
CA GLU F 77 -23.12 -1.76 24.34
C GLU F 77 -23.02 -1.90 25.85
N GLN F 78 -22.21 -2.86 26.30
CA GLN F 78 -21.97 -3.03 27.72
C GLN F 78 -21.41 -1.78 28.28
N LEU F 79 -20.31 -1.33 27.69
CA LEU F 79 -19.65 -0.12 28.20
C LEU F 79 -20.54 1.12 28.16
N ALA F 80 -21.31 1.27 27.10
CA ALA F 80 -22.20 2.42 27.00
C ALA F 80 -23.28 2.40 28.09
N LEU F 81 -23.89 1.23 28.31
CA LEU F 81 -24.86 1.05 29.39
C LEU F 81 -24.26 1.39 30.73
N GLN F 82 -23.16 0.71 31.05
CA GLN F 82 -22.49 0.91 32.32
C GLN F 82 -22.11 2.37 32.60
N LEU F 83 -21.67 3.05 31.54
CA LEU F 83 -21.35 4.46 31.64
C LEU F 83 -22.60 5.30 31.94
N ALA F 84 -23.65 5.10 31.13
CA ALA F 84 -24.94 5.78 31.31
C ALA F 84 -25.41 5.74 32.77
N ILE F 85 -25.31 4.53 33.30
CA ILE F 85 -25.69 4.26 34.67
C ILE F 85 -24.81 4.98 35.70
N LEU F 86 -23.48 4.80 35.60
CA LEU F 86 -22.54 5.45 36.53
C LEU F 86 -22.74 6.97 36.53
N LEU F 87 -23.02 7.47 35.34
CA LEU F 87 -23.28 8.85 35.07
C LEU F 87 -24.49 9.34 35.82
N LYS F 88 -25.60 8.60 35.76
CA LYS F 88 -26.76 9.09 36.47
C LYS F 88 -26.62 8.84 37.96
N GLU F 89 -25.71 7.95 38.36
CA GLU F 89 -25.51 7.75 39.78
C GLU F 89 -24.60 8.84 40.36
N ASN F 90 -23.90 9.57 39.50
CA ASN F 90 -22.98 10.58 39.99
C ASN F 90 -23.63 11.93 39.72
N ASN F 91 -24.68 11.87 38.90
CA ASN F 91 -25.59 12.98 38.71
C ASN F 91 -26.59 13.09 39.84
N ASP F 92 -27.24 11.96 40.14
CA ASP F 92 -28.30 11.90 41.15
C ASP F 92 -27.73 12.17 42.54
N ILE F 93 -26.54 11.63 42.82
CA ILE F 93 -25.88 11.81 44.11
C ILE F 93 -25.11 13.12 44.19
#